data_3JYY
#
_entry.id   3JYY
#
_cell.length_a   63.994
_cell.length_b   96.343
_cell.length_c   103.645
_cell.angle_alpha   90.00
_cell.angle_beta   90.00
_cell.angle_gamma   90.00
#
_symmetry.space_group_name_H-M   'P 21 21 21'
#
loop_
_entity.id
_entity.type
_entity.pdbx_description
1 polymer 'Lincosamide nucleotidyltransferase'
2 non-polymer 'MAGNESIUM ION'
3 non-polymer PYROPHOSPHATE
4 water water
#
_entity_poly.entity_id   1
_entity_poly.type   'polypeptide(L)'
_entity_poly.pdbx_seq_one_letter_code
;(MSE)GSSHHHHHHSSGLVPRGSH(MSE)LKQKELIANVKNLTESDERITAC(MSE)(MSE)YGSFTKGEGDQYSDIEFY
IFLKHSITSNFDSSNWLFDVAPYL(MSE)LYKNEYGTEVVIFDNLIRGEFHFLSEKD(MSE)NIIPSFKDSGYIPDTKA
(MSE)LIYDETGQLENYLSEISGARPNRLTEENANFLLCNFSNLWL(MSE)GINVLKRGEYARSLELLSQLQKNTLQLIR
(MSE)AEKNADNWLN(MSE)SKNLEKEISLENYKKFAKTTARLDKVELFEAYKNSLLLV(MSE)DLQSHLIEQYNLKVTH
DILERLLNYISE
;
_entity_poly.pdbx_strand_id   A,B
#
# COMPACT_ATOMS: atom_id res chain seq x y z
N LEU A 22 -17.22 12.11 25.10
CA LEU A 22 -16.02 11.55 24.53
C LEU A 22 -14.95 12.63 24.39
N LYS A 23 -13.69 12.24 24.58
CA LYS A 23 -12.57 13.14 24.38
C LYS A 23 -12.57 13.72 22.97
N GLN A 24 -12.95 12.91 21.99
CA GLN A 24 -12.97 13.38 20.59
C GLN A 24 -14.01 14.47 20.30
N LYS A 25 -15.15 14.41 20.99
CA LYS A 25 -16.18 15.43 20.84
C LYS A 25 -15.79 16.80 21.42
N GLU A 26 -15.03 16.80 22.52
CA GLU A 26 -14.45 18.05 23.03
C GLU A 26 -13.43 18.63 22.04
N LEU A 27 -12.67 17.75 21.39
CA LEU A 27 -11.70 18.18 20.37
C LEU A 27 -12.41 18.71 19.12
N ILE A 28 -13.47 18.03 18.70
CA ILE A 28 -14.29 18.49 17.59
C ILE A 28 -14.87 19.87 17.90
N ALA A 29 -15.34 20.06 19.12
CA ALA A 29 -15.93 21.34 19.53
C ALA A 29 -14.89 22.46 19.45
N ASN A 30 -13.68 22.19 19.93
CA ASN A 30 -12.56 23.12 19.81
C ASN A 30 -12.22 23.50 18.37
N VAL A 31 -12.24 22.52 17.48
CA VAL A 31 -12.01 22.75 16.05
C VAL A 31 -13.11 23.66 15.50
N LYS A 32 -14.37 23.35 15.79
CA LYS A 32 -15.47 24.22 15.39
C LYS A 32 -15.27 25.65 15.88
N ASN A 33 -15.02 25.82 17.17
CA ASN A 33 -14.76 27.15 17.76
C ASN A 33 -13.66 27.91 17.02
N LEU A 34 -12.52 27.26 16.80
CA LEU A 34 -11.35 27.90 16.21
C LEU A 34 -11.51 28.27 14.74
N THR A 35 -12.06 27.34 13.95
CA THR A 35 -12.26 27.60 12.52
C THR A 35 -13.28 28.71 12.27
N GLU A 36 -14.31 28.79 13.11
CA GLU A 36 -15.32 29.83 12.93
C GLU A 36 -14.88 31.22 13.38
N SER A 37 -13.81 31.32 14.17
CA SER A 37 -13.36 32.62 14.67
C SER A 37 -12.06 33.12 14.02
N ASP A 38 -11.32 32.22 13.37
CA ASP A 38 -10.07 32.57 12.70
C ASP A 38 -10.33 33.16 11.31
N GLU A 39 -9.83 34.38 11.10
CA GLU A 39 -10.04 35.11 9.85
C GLU A 39 -9.37 34.47 8.63
N ARG A 40 -8.36 33.65 8.90
CA ARG A 40 -7.58 32.99 7.86
C ARG A 40 -8.29 31.74 7.31
N ILE A 41 -9.32 31.29 8.01
CA ILE A 41 -10.05 30.07 7.64
C ILE A 41 -11.41 30.41 7.04
N THR A 42 -11.64 29.91 5.83
CA THR A 42 -12.89 30.16 5.10
C THR A 42 -13.91 29.06 5.35
N ALA A 43 -13.43 27.81 5.44
CA ALA A 43 -14.33 26.68 5.63
C ALA A 43 -13.70 25.48 6.34
N CYS A 44 -14.54 24.70 7.00
CA CYS A 44 -14.10 23.48 7.65
C CYS A 44 -15.04 22.33 7.37
N TYR A 47 -14.93 14.66 8.01
CA TYR A 47 -15.24 13.41 7.32
C TYR A 47 -14.96 12.24 8.26
N GLY A 48 -15.09 11.02 7.75
CA GLY A 48 -14.87 9.83 8.57
C GLY A 48 -16.04 9.49 9.48
N SER A 49 -15.80 8.57 10.42
CA SER A 49 -16.85 7.93 11.21
C SER A 49 -17.81 8.85 11.96
N PHE A 50 -17.34 10.03 12.39
CA PHE A 50 -18.21 10.98 13.08
C PHE A 50 -19.21 11.71 12.17
N THR A 51 -19.14 11.42 10.87
CA THR A 51 -20.11 11.94 9.90
C THR A 51 -20.90 10.79 9.27
N LYS A 52 -20.70 9.58 9.81
CA LYS A 52 -21.34 8.38 9.30
C LYS A 52 -22.09 7.64 10.40
N GLY A 53 -22.22 8.28 11.56
CA GLY A 53 -22.92 7.68 12.70
C GLY A 53 -22.18 6.53 13.37
N GLU A 54 -20.88 6.40 13.10
CA GLU A 54 -20.09 5.25 13.56
C GLU A 54 -18.96 5.63 14.54
N GLY A 55 -18.95 6.88 14.99
CA GLY A 55 -17.88 7.36 15.88
C GLY A 55 -18.01 6.83 17.30
N ASP A 56 -16.87 6.48 17.90
CA ASP A 56 -16.84 5.98 19.29
C ASP A 56 -15.54 6.36 20.00
N GLN A 57 -15.32 5.79 21.18
CA GLN A 57 -14.16 6.10 22.00
C GLN A 57 -12.82 5.70 21.35
N TYR A 58 -12.88 4.84 20.34
CA TYR A 58 -11.64 4.38 19.68
C TYR A 58 -11.37 5.11 18.36
N SER A 59 -12.27 6.02 17.99
CA SER A 59 -12.15 6.78 16.74
C SER A 59 -11.11 7.90 16.77
N ASP A 60 -10.62 8.24 15.58
CA ASP A 60 -9.86 9.48 15.40
C ASP A 60 -10.80 10.61 14.96
N ILE A 61 -10.27 11.83 14.88
CA ILE A 61 -11.01 12.97 14.33
C ILE A 61 -10.31 13.43 13.05
N GLU A 62 -11.05 14.01 12.12
CA GLU A 62 -10.47 14.37 10.82
C GLU A 62 -11.25 15.41 10.03
N PHE A 63 -10.50 16.30 9.38
CA PHE A 63 -11.03 17.52 8.80
C PHE A 63 -10.20 17.97 7.62
N TYR A 64 -10.88 18.58 6.66
CA TYR A 64 -10.25 19.50 5.72
C TYR A 64 -10.50 20.90 6.25
N ILE A 65 -9.43 21.69 6.30
CA ILE A 65 -9.50 23.09 6.67
C ILE A 65 -9.16 23.89 5.43
N PHE A 66 -10.07 24.76 5.02
CA PHE A 66 -9.90 25.56 3.82
C PHE A 66 -9.48 26.98 4.18
N LEU A 67 -8.36 27.41 3.61
CA LEU A 67 -7.72 28.66 3.99
C LEU A 67 -7.89 29.75 2.94
N LYS A 68 -8.04 30.99 3.39
CA LYS A 68 -7.93 32.17 2.53
C LYS A 68 -6.70 31.97 1.64
N HIS A 69 -6.85 32.19 0.34
CA HIS A 69 -5.80 31.83 -0.61
C HIS A 69 -4.42 32.45 -0.33
N SER A 70 -4.41 33.73 0.08
CA SER A 70 -3.17 34.47 0.26
C SER A 70 -2.29 33.98 1.42
N ILE A 71 -2.89 33.25 2.35
CA ILE A 71 -2.14 32.83 3.54
C ILE A 71 -1.72 31.36 3.54
N THR A 72 -2.21 30.61 2.56
CA THR A 72 -1.86 29.19 2.40
C THR A 72 -0.37 29.07 2.02
N PHE A 75 0.69 29.74 6.39
CA PHE A 75 -0.02 29.18 7.53
C PHE A 75 0.86 28.21 8.30
N ASP A 76 0.92 28.40 9.63
CA ASP A 76 1.65 27.47 10.49
C ASP A 76 0.69 26.52 11.17
N SER A 77 0.63 25.29 10.66
CA SER A 77 -0.34 24.31 11.11
C SER A 77 -0.07 23.87 12.55
N SER A 78 1.21 23.77 12.90
CA SER A 78 1.61 23.30 14.23
C SER A 78 1.19 24.27 15.35
N ASN A 79 1.31 25.57 15.08
CA ASN A 79 0.78 26.57 16.01
C ASN A 79 -0.73 26.42 16.21
N TRP A 80 -1.45 26.34 15.09
CA TRP A 80 -2.90 26.26 15.11
C TRP A 80 -3.39 24.98 15.76
N LEU A 81 -2.73 23.87 15.45
CA LEU A 81 -3.11 22.58 16.01
C LEU A 81 -2.89 22.54 17.52
N PHE A 82 -1.82 23.18 18.01
CA PHE A 82 -1.62 23.31 19.45
C PHE A 82 -2.78 24.05 20.13
N ASP A 83 -3.36 25.03 19.43
CA ASP A 83 -4.54 25.74 19.93
C ASP A 83 -5.77 24.85 20.07
N VAL A 84 -5.93 23.88 19.16
CA VAL A 84 -6.97 22.85 19.32
C VAL A 84 -6.74 22.14 20.65
N ALA A 85 -5.49 21.70 20.87
CA ALA A 85 -5.08 21.04 22.10
C ALA A 85 -3.59 20.66 22.05
N PRO A 86 -2.93 20.63 23.21
CA PRO A 86 -1.54 20.17 23.25
C PRO A 86 -1.39 18.79 22.60
N TYR A 87 -0.33 18.61 21.82
CA TYR A 87 -0.08 17.36 21.13
C TYR A 87 1.32 16.84 21.37
N LEU A 88 1.46 15.52 21.38
CA LEU A 88 2.73 14.86 21.59
C LEU A 88 3.56 14.76 20.30
N LEU A 90 3.51 15.39 15.74
CA LEU A 90 2.90 15.92 14.55
C LEU A 90 3.83 15.65 13.39
N TYR A 91 3.30 15.03 12.34
CA TYR A 91 4.09 14.81 11.13
C TYR A 91 3.18 14.82 9.91
N LYS A 92 3.78 14.78 8.73
CA LYS A 92 3.03 14.65 7.50
C LYS A 92 3.19 13.21 7.01
N ASN A 93 2.07 12.54 6.79
CA ASN A 93 2.13 11.16 6.30
C ASN A 93 2.48 11.11 4.80
N GLU A 94 2.53 9.91 4.25
CA GLU A 94 2.92 9.70 2.84
C GLU A 94 1.99 10.39 1.83
N TYR A 95 0.84 10.89 2.30
CA TYR A 95 -0.17 11.51 1.43
C TYR A 95 -0.25 13.01 1.58
N GLY A 96 0.58 13.58 2.46
CA GLY A 96 0.58 15.02 2.68
C GLY A 96 -0.36 15.51 3.77
N THR A 97 -1.06 14.58 4.41
CA THR A 97 -1.94 14.90 5.53
C THR A 97 -1.15 15.14 6.80
N GLU A 98 -1.50 16.18 7.55
CA GLU A 98 -0.94 16.40 8.88
C GLU A 98 -1.61 15.45 9.86
N VAL A 99 -0.81 14.59 10.48
CA VAL A 99 -1.33 13.65 11.44
C VAL A 99 -0.80 14.03 12.82
N VAL A 100 -1.70 14.12 13.79
CA VAL A 100 -1.35 14.55 15.13
C VAL A 100 -1.81 13.52 16.17
N ILE A 101 -0.97 13.30 17.17
CA ILE A 101 -1.41 12.59 18.36
C ILE A 101 -1.48 13.63 19.48
N PHE A 102 -2.70 13.94 19.91
CA PHE A 102 -2.91 14.90 20.98
C PHE A 102 -2.43 14.31 22.28
N ASP A 103 -2.18 15.17 23.27
CA ASP A 103 -1.56 14.67 24.49
C ASP A 103 -2.47 13.79 25.35
N ASN A 104 -3.74 13.66 24.95
CA ASN A 104 -4.65 12.68 25.55
C ASN A 104 -4.80 11.41 24.69
N LEU A 105 -3.86 11.26 23.75
CA LEU A 105 -3.73 10.09 22.87
C LEU A 105 -4.80 9.95 21.77
N ILE A 106 -5.66 10.95 21.63
CA ILE A 106 -6.57 10.98 20.49
C ILE A 106 -5.80 11.32 19.22
N ARG A 107 -6.12 10.62 18.14
CA ARG A 107 -5.50 10.83 16.85
C ARG A 107 -6.35 11.81 16.03
N GLY A 108 -5.66 12.72 15.34
CA GLY A 108 -6.32 13.67 14.45
C GLY A 108 -5.65 13.71 13.10
N GLU A 109 -6.44 13.86 12.04
CA GLU A 109 -5.92 14.01 10.68
C GLU A 109 -6.48 15.26 10.05
N PHE A 110 -5.58 16.14 9.62
CA PHE A 110 -5.98 17.46 9.16
C PHE A 110 -5.37 17.73 7.80
N HIS A 111 -6.19 18.14 6.85
CA HIS A 111 -5.71 18.67 5.57
C HIS A 111 -5.89 20.16 5.52
N PHE A 112 -4.79 20.89 5.37
CA PHE A 112 -4.88 22.32 5.19
C PHE A 112 -4.72 22.62 3.70
N LEU A 113 -5.73 23.24 3.12
CA LEU A 113 -5.75 23.54 1.69
C LEU A 113 -6.27 24.94 1.48
N SER A 114 -5.92 25.52 0.33
CA SER A 114 -6.51 26.77 -0.08
C SER A 114 -8.01 26.56 -0.31
N GLU A 115 -8.78 27.61 -0.06
CA GLU A 115 -10.19 27.65 -0.41
C GLU A 115 -10.43 27.28 -1.87
N LYS A 116 -9.48 27.66 -2.74
CA LYS A 116 -9.58 27.39 -4.17
C LYS A 116 -9.56 25.90 -4.52
N ASP A 117 -9.19 25.07 -3.55
CA ASP A 117 -9.19 23.62 -3.75
C ASP A 117 -10.49 22.96 -3.26
N ASN A 119 -13.04 22.59 -4.72
CA ASN A 119 -13.63 21.87 -5.84
C ASN A 119 -13.20 20.40 -5.96
N ILE A 120 -12.38 19.93 -5.03
CA ILE A 120 -12.06 18.50 -4.97
C ILE A 120 -13.21 17.73 -4.31
N ILE A 121 -14.13 18.45 -3.69
CA ILE A 121 -15.23 17.86 -2.91
C ILE A 121 -16.16 16.96 -3.74
N PRO A 122 -16.57 17.42 -4.95
CA PRO A 122 -17.44 16.57 -5.78
C PRO A 122 -16.85 15.20 -6.14
N SER A 123 -15.53 15.07 -6.12
CA SER A 123 -14.87 13.81 -6.42
C SER A 123 -15.03 12.76 -5.32
N PHE A 124 -15.48 13.18 -4.12
CA PHE A 124 -15.60 12.28 -2.96
C PHE A 124 -16.64 11.18 -3.12
N LYS A 125 -17.67 11.45 -3.94
CA LYS A 125 -18.68 10.46 -4.28
C LYS A 125 -18.10 9.28 -5.07
N ASP A 126 -16.87 9.43 -5.58
CA ASP A 126 -16.19 8.38 -6.35
C ASP A 126 -15.52 7.34 -5.44
N SER A 127 -15.33 7.71 -4.19
CA SER A 127 -14.54 6.90 -3.26
C SER A 127 -15.38 6.10 -2.26
N GLY A 128 -16.63 6.52 -2.05
CA GLY A 128 -17.53 5.83 -1.14
C GLY A 128 -18.88 6.50 -0.93
N TYR A 129 -19.68 5.89 -0.06
CA TYR A 129 -21.03 6.37 0.28
C TYR A 129 -21.00 7.55 1.23
N ILE A 130 -21.76 8.60 0.89
CA ILE A 130 -21.84 9.84 1.68
C ILE A 130 -23.24 9.97 2.30
N PRO A 131 -23.44 9.44 3.52
CA PRO A 131 -24.77 9.41 4.14
C PRO A 131 -25.25 10.74 4.73
N ASP A 132 -24.32 11.59 5.16
CA ASP A 132 -24.67 12.75 5.99
C ASP A 132 -23.76 13.99 5.83
N THR A 133 -24.12 14.85 4.88
CA THR A 133 -23.34 16.07 4.62
C THR A 133 -23.64 17.18 5.63
N LYS A 134 -24.71 17.03 6.41
CA LYS A 134 -25.01 17.99 7.46
C LYS A 134 -23.97 17.93 8.58
N ALA A 135 -23.59 16.71 8.97
CA ALA A 135 -22.55 16.48 9.97
C ALA A 135 -21.15 16.81 9.45
N LEU A 137 -20.48 19.49 7.54
CA LEU A 137 -20.30 20.94 7.56
C LEU A 137 -19.99 21.45 8.97
N ILE A 138 -18.77 21.93 9.18
CA ILE A 138 -18.38 22.45 10.48
C ILE A 138 -18.48 23.98 10.47
N TYR A 139 -17.90 24.57 9.44
CA TYR A 139 -17.92 26.02 9.23
C TYR A 139 -17.86 26.33 7.75
N ASP A 140 -18.57 27.38 7.34
CA ASP A 140 -18.73 27.73 5.93
C ASP A 140 -19.02 29.23 5.84
N GLU A 141 -17.94 30.01 5.71
CA GLU A 141 -18.03 31.47 5.68
C GLU A 141 -18.95 31.97 4.56
N THR A 142 -18.77 31.43 3.36
CA THR A 142 -19.41 31.98 2.16
C THR A 142 -20.67 31.23 1.69
N GLY A 143 -20.88 30.01 2.20
CA GLY A 143 -21.99 29.18 1.72
C GLY A 143 -21.58 28.20 0.62
N GLN A 144 -20.33 28.33 0.16
CA GLN A 144 -19.82 27.49 -0.92
C GLN A 144 -19.60 26.02 -0.51
N LEU A 145 -19.15 25.80 0.72
CA LEU A 145 -18.94 24.44 1.21
C LEU A 145 -20.25 23.65 1.19
N GLU A 146 -21.33 24.26 1.69
CA GLU A 146 -22.66 23.64 1.65
C GLU A 146 -23.06 23.27 0.22
N ASN A 147 -22.77 24.16 -0.73
CA ASN A 147 -23.07 23.93 -2.14
C ASN A 147 -22.36 22.70 -2.70
N TYR A 148 -21.05 22.60 -2.49
CA TYR A 148 -20.31 21.40 -2.89
C TYR A 148 -20.82 20.12 -2.20
N LEU A 149 -21.11 20.24 -0.91
CA LEU A 149 -21.56 19.08 -0.12
C LEU A 149 -22.90 18.54 -0.63
N SER A 150 -23.80 19.44 -1.01
CA SER A 150 -25.09 19.05 -1.57
C SER A 150 -24.93 18.30 -2.90
N GLU A 151 -23.82 18.53 -3.61
CA GLU A 151 -23.50 17.73 -4.80
C GLU A 151 -23.24 16.25 -4.51
N ILE A 152 -22.75 15.91 -3.32
CA ILE A 152 -22.35 14.52 -3.04
C ILE A 152 -23.30 13.78 -2.09
N SER A 153 -24.27 14.50 -1.53
CA SER A 153 -25.18 13.94 -0.54
C SER A 153 -25.98 12.73 -1.08
N GLY A 154 -25.97 11.64 -0.34
CA GLY A 154 -26.65 10.40 -0.73
C GLY A 154 -25.91 9.53 -1.74
N ALA A 155 -24.82 10.06 -2.29
CA ALA A 155 -24.13 9.42 -3.40
C ALA A 155 -23.23 8.26 -2.98
N ARG A 156 -22.97 7.37 -3.93
CA ARG A 156 -22.06 6.24 -3.76
C ARG A 156 -21.71 5.69 -5.12
N PRO A 157 -20.51 5.10 -5.26
CA PRO A 157 -20.22 4.39 -6.48
C PRO A 157 -20.87 3.00 -6.48
N ASN A 158 -21.06 2.42 -7.66
CA ASN A 158 -21.52 1.06 -7.77
C ASN A 158 -20.32 0.20 -8.15
N ARG A 159 -19.89 -0.65 -7.21
CA ARG A 159 -18.69 -1.46 -7.37
C ARG A 159 -18.96 -2.77 -8.11
N LEU A 160 -20.23 -3.04 -8.37
CA LEU A 160 -20.61 -4.32 -8.94
C LEU A 160 -20.52 -4.30 -10.47
N THR A 161 -19.29 -4.42 -10.99
CA THR A 161 -19.02 -4.33 -12.43
C THR A 161 -18.08 -5.44 -12.90
N GLU A 162 -18.13 -5.73 -14.19
CA GLU A 162 -17.24 -6.67 -14.83
C GLU A 162 -15.79 -6.19 -14.74
N GLU A 163 -15.60 -4.88 -14.89
CA GLU A 163 -14.27 -4.26 -14.83
C GLU A 163 -13.59 -4.53 -13.47
N ASN A 164 -14.35 -4.41 -12.38
CA ASN A 164 -13.85 -4.67 -11.04
C ASN A 164 -13.55 -6.15 -10.78
N ALA A 165 -14.50 -7.01 -11.10
CA ALA A 165 -14.30 -8.47 -10.97
C ALA A 165 -13.05 -8.93 -11.78
N ASN A 166 -12.91 -8.42 -13.00
CA ASN A 166 -11.77 -8.78 -13.83
C ASN A 166 -10.44 -8.29 -13.28
N PHE A 167 -10.40 -7.01 -12.89
CA PHE A 167 -9.18 -6.47 -12.33
C PHE A 167 -8.78 -7.26 -11.08
N LEU A 168 -9.73 -7.48 -10.18
CA LEU A 168 -9.42 -8.11 -8.90
C LEU A 168 -8.94 -9.54 -9.05
N LEU A 169 -9.62 -10.33 -9.88
CA LEU A 169 -9.19 -11.72 -10.12
C LEU A 169 -7.81 -11.75 -10.79
N CYS A 170 -7.57 -10.88 -11.76
CA CYS A 170 -6.26 -10.77 -12.41
C CYS A 170 -5.16 -10.31 -11.43
N ASN A 171 -5.48 -9.30 -10.61
CA ASN A 171 -4.53 -8.75 -9.65
C ASN A 171 -4.20 -9.82 -8.61
N PHE A 172 -5.23 -10.53 -8.15
CA PHE A 172 -5.04 -11.59 -7.20
C PHE A 172 -4.08 -12.65 -7.76
N SER A 173 -4.35 -13.12 -8.97
CA SER A 173 -3.54 -14.18 -9.57
C SER A 173 -2.08 -13.76 -9.73
N ASN A 174 -1.86 -12.52 -10.18
CA ASN A 174 -0.55 -11.89 -10.25
C ASN A 174 0.20 -11.95 -8.91
N LEU A 175 -0.41 -11.39 -7.86
CA LEU A 175 0.19 -11.30 -6.53
C LEU A 175 0.38 -12.67 -5.90
N TRP A 176 -0.56 -13.59 -6.18
CA TRP A 176 -0.49 -14.92 -5.61
C TRP A 176 0.71 -15.69 -6.18
N LEU A 177 0.89 -15.58 -7.50
CA LEU A 177 1.97 -16.25 -8.18
C LEU A 177 3.32 -15.67 -7.75
N GLY A 179 3.84 -14.06 -4.81
CA GLY A 179 4.00 -14.47 -3.41
C GLY A 179 4.42 -15.92 -3.22
N ILE A 180 3.86 -16.82 -4.03
CA ILE A 180 4.21 -18.25 -3.92
C ILE A 180 5.63 -18.52 -4.42
N ASN A 181 6.07 -17.74 -5.40
CA ASN A 181 7.43 -17.83 -5.90
C ASN A 181 8.48 -17.42 -4.86
N VAL A 182 8.30 -16.28 -4.23
CA VAL A 182 9.23 -15.85 -3.18
C VAL A 182 9.15 -16.81 -1.99
N LEU A 183 7.98 -17.36 -1.72
CA LEU A 183 7.86 -18.37 -0.65
C LEU A 183 8.70 -19.63 -0.94
N LYS A 184 8.59 -20.16 -2.15
CA LYS A 184 9.40 -21.32 -2.57
C LYS A 184 10.90 -21.01 -2.49
N ARG A 185 11.27 -19.79 -2.90
CA ARG A 185 12.65 -19.30 -2.77
C ARG A 185 13.13 -19.29 -1.32
N GLY A 186 12.18 -19.18 -0.39
CA GLY A 186 12.54 -19.08 1.02
C GLY A 186 12.64 -17.64 1.50
N GLU A 187 12.06 -16.72 0.74
CA GLU A 187 11.95 -15.32 1.16
C GLU A 187 10.66 -15.17 1.99
N TYR A 188 10.70 -15.62 3.23
CA TYR A 188 9.49 -15.76 4.05
C TYR A 188 8.82 -14.43 4.38
N ALA A 189 9.62 -13.43 4.76
CA ALA A 189 9.09 -12.12 5.11
C ALA A 189 8.44 -11.45 3.89
N ARG A 190 9.06 -11.64 2.71
CA ARG A 190 8.53 -11.11 1.46
C ARG A 190 7.19 -11.77 1.09
N SER A 191 7.09 -13.08 1.28
CA SER A 191 5.84 -13.74 0.99
C SER A 191 4.73 -13.26 1.93
N LEU A 192 5.10 -12.94 3.18
CA LEU A 192 4.13 -12.46 4.16
C LEU A 192 3.61 -11.06 3.78
N GLU A 193 4.52 -10.22 3.28
CA GLU A 193 4.13 -8.90 2.78
C GLU A 193 3.17 -9.03 1.60
N LEU A 194 3.47 -9.92 0.66
CA LEU A 194 2.61 -10.12 -0.50
C LEU A 194 1.25 -10.69 -0.11
N LEU A 195 1.24 -11.53 0.91
CA LEU A 195 0.01 -12.14 1.40
C LEU A 195 -0.96 -11.09 1.92
N SER A 196 -0.44 -10.08 2.58
CA SER A 196 -1.30 -9.00 3.07
C SER A 196 -1.86 -8.18 1.90
N GLN A 197 -1.12 -8.08 0.79
CA GLN A 197 -1.67 -7.43 -0.42
C GLN A 197 -2.78 -8.29 -1.03
N LEU A 198 -2.58 -9.60 -1.02
CA LEU A 198 -3.58 -10.54 -1.51
C LEU A 198 -4.85 -10.49 -0.65
N GLN A 199 -4.67 -10.42 0.67
CA GLN A 199 -5.81 -10.36 1.59
C GLN A 199 -6.77 -9.22 1.26
N LYS A 200 -6.22 -8.06 0.94
CA LYS A 200 -7.01 -6.88 0.56
C LYS A 200 -7.84 -7.08 -0.69
N ASN A 201 -7.24 -7.72 -1.70
CA ASN A 201 -7.92 -8.11 -2.93
C ASN A 201 -9.03 -9.10 -2.63
N THR A 202 -8.73 -10.03 -1.73
CA THR A 202 -9.69 -11.08 -1.38
C THR A 202 -10.90 -10.48 -0.71
N LEU A 203 -10.68 -9.50 0.16
CA LEU A 203 -11.79 -8.83 0.84
C LEU A 203 -12.68 -8.10 -0.13
N GLN A 204 -12.08 -7.47 -1.14
CA GLN A 204 -12.90 -6.80 -2.14
C GLN A 204 -13.71 -7.81 -2.96
N LEU A 205 -13.08 -8.94 -3.29
CA LEU A 205 -13.77 -10.02 -3.99
C LEU A 205 -14.94 -10.61 -3.20
N ILE A 206 -14.76 -10.80 -1.89
CA ILE A 206 -15.85 -11.29 -1.03
C ILE A 206 -16.99 -10.27 -1.04
N ARG A 207 -16.65 -8.99 -0.93
CA ARG A 207 -17.66 -7.95 -0.92
C ARG A 207 -18.45 -7.85 -2.24
N ALA A 209 -18.86 -10.63 -4.30
CA ALA A 209 -19.63 -11.87 -4.28
C ALA A 209 -20.87 -11.78 -3.38
N GLU A 210 -20.75 -11.05 -2.27
CA GLU A 210 -21.85 -10.93 -1.32
C GLU A 210 -22.64 -9.64 -1.52
N LYS A 211 -22.23 -8.82 -2.48
CA LYS A 211 -22.92 -7.57 -2.80
C LYS A 211 -23.08 -6.65 -1.58
N ASN A 212 -21.95 -6.42 -0.90
CA ASN A 212 -21.89 -5.48 0.18
C ASN A 212 -20.57 -4.72 0.02
N ALA A 213 -20.54 -3.80 -0.95
CA ALA A 213 -19.30 -3.21 -1.41
C ALA A 213 -19.08 -1.72 -1.12
N ASP A 214 -19.94 -1.10 -0.31
CA ASP A 214 -19.73 0.31 0.08
C ASP A 214 -18.35 0.55 0.69
N ASN A 215 -17.96 -0.30 1.64
CA ASN A 215 -16.64 -0.24 2.24
C ASN A 215 -15.61 -0.92 1.34
N TRP A 216 -15.12 -0.15 0.37
CA TRP A 216 -14.34 -0.70 -0.76
C TRP A 216 -12.85 -0.43 -0.60
N LEU A 217 -12.52 0.85 -0.50
CA LEU A 217 -11.15 1.30 -0.20
C LEU A 217 -10.74 0.93 1.21
N ASN A 218 -11.68 1.04 2.14
CA ASN A 218 -11.51 0.56 3.51
C ASN A 218 -12.16 -0.83 3.66
N SER A 220 -11.52 -3.65 5.05
CA SER A 220 -11.53 -4.28 6.38
C SER A 220 -12.52 -3.69 7.37
N LYS A 221 -13.02 -2.49 7.07
CA LYS A 221 -13.94 -1.80 7.96
C LYS A 221 -15.17 -2.63 8.26
N ASN A 222 -15.47 -2.80 9.55
CA ASN A 222 -16.67 -3.53 10.01
C ASN A 222 -16.80 -4.94 9.42
N LEU A 223 -15.66 -5.56 9.06
CA LEU A 223 -15.69 -6.81 8.31
C LEU A 223 -16.46 -7.88 9.07
N GLU A 224 -16.25 -7.93 10.38
CA GLU A 224 -16.91 -8.88 11.27
C GLU A 224 -18.43 -8.79 11.18
N LYS A 225 -18.95 -7.60 10.89
CA LYS A 225 -20.39 -7.34 10.79
C LYS A 225 -20.91 -7.38 9.34
N GLU A 226 -20.01 -7.29 8.37
CA GLU A 226 -20.48 -7.03 7.00
C GLU A 226 -20.42 -8.20 6.02
N ILE A 227 -19.66 -9.23 6.36
CA ILE A 227 -19.62 -10.41 5.52
C ILE A 227 -20.13 -11.61 6.31
N SER A 228 -20.56 -12.63 5.58
CA SER A 228 -21.07 -13.85 6.19
C SER A 228 -20.00 -14.49 7.06
N LEU A 229 -20.45 -15.22 8.09
CA LEU A 229 -19.55 -15.96 8.96
C LEU A 229 -18.74 -16.98 8.18
N GLU A 230 -19.38 -17.64 7.22
CA GLU A 230 -18.70 -18.63 6.39
C GLU A 230 -17.48 -18.02 5.69
N ASN A 231 -17.67 -16.90 4.99
CA ASN A 231 -16.55 -16.27 4.30
C ASN A 231 -15.52 -15.64 5.24
N TYR A 232 -15.96 -15.17 6.40
CA TYR A 232 -15.04 -14.62 7.40
C TYR A 232 -14.07 -15.68 7.87
N LYS A 233 -14.58 -16.87 8.15
CA LYS A 233 -13.75 -17.99 8.62
C LYS A 233 -12.81 -18.46 7.51
N LYS A 234 -13.30 -18.51 6.28
CA LYS A 234 -12.43 -18.80 5.14
C LYS A 234 -11.31 -17.74 5.04
N PHE A 235 -11.69 -16.47 5.10
CA PHE A 235 -10.68 -15.41 5.10
C PHE A 235 -9.64 -15.58 6.23
N ALA A 236 -10.11 -15.91 7.44
CA ALA A 236 -9.21 -16.13 8.57
C ALA A 236 -8.13 -17.20 8.30
N LYS A 237 -8.49 -18.20 7.49
CA LYS A 237 -7.56 -19.27 7.10
C LYS A 237 -6.51 -18.86 6.08
N THR A 238 -6.65 -17.64 5.53
CA THR A 238 -5.68 -17.12 4.57
C THR A 238 -4.63 -16.24 5.28
N THR A 239 -4.64 -16.24 6.60
CA THR A 239 -3.70 -15.46 7.38
C THR A 239 -2.60 -16.35 7.97
N ALA A 240 -1.43 -15.76 8.25
CA ALA A 240 -0.28 -16.50 8.72
C ALA A 240 0.65 -15.63 9.55
N ARG A 241 1.40 -16.29 10.42
CA ARG A 241 2.53 -15.68 11.08
C ARG A 241 3.77 -15.95 10.24
N LEU A 242 4.91 -15.36 10.60
CA LEU A 242 6.16 -15.56 9.87
C LEU A 242 6.74 -16.96 10.10
N ASP A 243 6.26 -17.90 9.29
CA ASP A 243 6.53 -19.34 9.46
C ASP A 243 6.21 -20.05 8.15
N LYS A 244 7.18 -20.83 7.66
CA LYS A 244 7.04 -21.54 6.39
C LYS A 244 5.74 -22.34 6.28
N VAL A 245 5.49 -23.22 7.24
CA VAL A 245 4.31 -24.08 7.19
C VAL A 245 3.02 -23.23 7.16
N GLU A 246 2.93 -22.25 8.06
CA GLU A 246 1.75 -21.39 8.11
C GLU A 246 1.56 -20.57 6.82
N LEU A 247 2.68 -20.16 6.22
CA LEU A 247 2.65 -19.42 4.95
C LEU A 247 2.14 -20.28 3.80
N PHE A 248 2.64 -21.50 3.67
CA PHE A 248 2.10 -22.42 2.65
C PHE A 248 0.61 -22.66 2.82
N GLU A 249 0.18 -22.86 4.07
CA GLU A 249 -1.24 -23.10 4.36
C GLU A 249 -2.07 -21.91 3.92
N ALA A 250 -1.61 -20.70 4.27
CA ALA A 250 -2.33 -19.47 3.96
C ALA A 250 -2.46 -19.23 2.46
N TYR A 251 -1.38 -19.50 1.72
CA TYR A 251 -1.39 -19.32 0.27
C TYR A 251 -2.34 -20.31 -0.42
N LYS A 252 -2.34 -21.55 0.05
CA LYS A 252 -3.24 -22.55 -0.48
C LYS A 252 -4.69 -22.14 -0.25
N ASN A 253 -5.02 -21.81 1.00
CA ASN A 253 -6.36 -21.37 1.38
C ASN A 253 -6.80 -20.09 0.67
N SER A 254 -5.87 -19.17 0.49
CA SER A 254 -6.12 -17.97 -0.30
C SER A 254 -6.64 -18.34 -1.68
N LEU A 255 -5.92 -19.22 -2.39
CA LEU A 255 -6.35 -19.68 -3.71
C LEU A 255 -7.69 -20.39 -3.68
N LEU A 256 -7.91 -21.27 -2.71
CA LEU A 256 -9.16 -22.03 -2.65
C LEU A 256 -10.37 -21.13 -2.42
N LEU A 257 -10.20 -20.09 -1.60
CA LEU A 257 -11.25 -19.10 -1.36
C LEU A 257 -11.60 -18.35 -2.65
N VAL A 258 -10.58 -17.94 -3.39
CA VAL A 258 -10.79 -17.23 -4.66
C VAL A 258 -11.48 -18.15 -5.69
N ASP A 260 -13.63 -20.51 -4.95
CA ASP A 260 -15.03 -20.41 -4.51
C ASP A 260 -15.68 -19.13 -5.02
N LEU A 261 -14.98 -18.01 -4.85
CA LEU A 261 -15.53 -16.71 -5.23
C LEU A 261 -15.77 -16.56 -6.74
N GLN A 262 -14.79 -16.94 -7.56
CA GLN A 262 -15.02 -16.74 -9.00
C GLN A 262 -16.11 -17.67 -9.58
N SER A 263 -16.35 -18.79 -8.91
CA SER A 263 -17.45 -19.69 -9.30
C SER A 263 -18.82 -19.03 -9.08
N HIS A 264 -18.90 -18.12 -8.10
CA HIS A 264 -20.05 -17.23 -7.96
C HIS A 264 -19.99 -16.12 -9.01
N LEU A 265 -18.83 -15.47 -9.12
CA LEU A 265 -18.68 -14.30 -9.99
C LEU A 265 -18.86 -14.57 -11.49
N ILE A 266 -18.50 -15.78 -11.93
CA ILE A 266 -18.62 -16.20 -13.33
C ILE A 266 -20.07 -16.16 -13.81
N GLU A 267 -21.01 -16.39 -12.89
CA GLU A 267 -22.44 -16.37 -13.21
C GLU A 267 -22.97 -14.96 -13.51
N GLN A 268 -22.29 -13.93 -13.03
CA GLN A 268 -22.73 -12.55 -13.18
C GLN A 268 -21.91 -11.79 -14.23
N TYR A 269 -20.62 -12.10 -14.31
CA TYR A 269 -19.72 -11.38 -15.17
C TYR A 269 -18.95 -12.31 -16.12
N ASN A 270 -18.49 -11.73 -17.23
CA ASN A 270 -17.58 -12.39 -18.18
C ASN A 270 -16.14 -12.18 -17.69
N LEU A 271 -15.48 -13.27 -17.31
CA LEU A 271 -14.21 -13.19 -16.60
C LEU A 271 -13.04 -13.73 -17.42
N LYS A 272 -11.91 -13.05 -17.33
CA LYS A 272 -10.68 -13.50 -17.99
C LYS A 272 -10.01 -14.62 -17.19
N VAL A 273 -10.13 -14.55 -15.87
CA VAL A 273 -9.60 -15.60 -15.01
C VAL A 273 -10.63 -16.71 -14.86
N THR A 274 -10.30 -17.87 -15.42
CA THR A 274 -11.19 -19.04 -15.44
C THR A 274 -10.81 -20.01 -14.33
N HIS A 275 -11.71 -20.95 -14.06
CA HIS A 275 -11.44 -22.06 -13.16
C HIS A 275 -10.14 -22.81 -13.54
N ASP A 276 -9.99 -23.08 -14.83
CA ASP A 276 -8.81 -23.79 -15.35
C ASP A 276 -7.50 -23.06 -15.02
N ILE A 277 -7.50 -21.74 -15.11
CA ILE A 277 -6.31 -20.95 -14.74
C ILE A 277 -5.99 -21.06 -13.24
N LEU A 278 -7.02 -20.92 -12.40
CA LEU A 278 -6.83 -21.06 -10.96
C LEU A 278 -6.32 -22.45 -10.55
N GLU A 279 -6.77 -23.49 -11.28
CA GLU A 279 -6.33 -24.87 -11.02
C GLU A 279 -4.87 -25.09 -11.40
N ARG A 280 -4.41 -24.45 -12.48
CA ARG A 280 -3.00 -24.48 -12.83
C ARG A 280 -2.13 -23.82 -11.75
N LEU A 281 -2.66 -22.76 -11.13
CA LEU A 281 -2.00 -22.13 -9.99
C LEU A 281 -1.99 -23.09 -8.80
N LEU A 282 -3.09 -23.80 -8.59
CA LEU A 282 -3.18 -24.78 -7.50
C LEU A 282 -2.15 -25.90 -7.67
N ASN A 283 -1.95 -26.33 -8.92
CA ASN A 283 -1.00 -27.39 -9.23
C ASN A 283 0.45 -26.95 -9.07
N TYR A 284 0.69 -25.67 -9.28
CA TYR A 284 2.01 -25.08 -9.17
C TYR A 284 2.55 -25.10 -7.73
N ILE A 285 1.66 -25.10 -6.73
CA ILE A 285 2.09 -25.11 -5.32
C ILE A 285 3.08 -26.26 -5.05
N SER A 286 2.81 -27.42 -5.67
CA SER A 286 3.59 -28.62 -5.49
C SER A 286 4.71 -28.79 -6.52
N GLU A 287 4.80 -27.85 -7.47
CA GLU A 287 5.77 -27.93 -8.56
C GLU A 287 7.11 -27.28 -8.20
N LEU B 22 17.57 -21.34 -17.59
CA LEU B 22 16.28 -20.79 -17.07
C LEU B 22 15.35 -20.37 -18.20
N LYS B 23 14.08 -20.72 -18.05
CA LYS B 23 13.04 -20.28 -18.96
C LYS B 23 13.00 -18.74 -19.06
N GLN B 24 13.25 -18.06 -17.94
CA GLN B 24 13.20 -16.60 -17.96
C GLN B 24 14.34 -15.95 -18.77
N LYS B 25 15.48 -16.64 -18.85
CA LYS B 25 16.60 -16.15 -19.66
C LYS B 25 16.30 -16.34 -21.16
N GLU B 26 15.58 -17.41 -21.48
CA GLU B 26 15.06 -17.62 -22.82
C GLU B 26 14.07 -16.52 -23.22
N LEU B 27 13.21 -16.13 -22.28
CA LEU B 27 12.24 -15.04 -22.52
C LEU B 27 12.93 -13.69 -22.67
N ILE B 28 13.96 -13.45 -21.86
CA ILE B 28 14.79 -12.24 -21.95
C ILE B 28 15.44 -12.12 -23.32
N ALA B 29 16.06 -13.20 -23.80
CA ALA B 29 16.64 -13.24 -25.16
C ALA B 29 15.61 -12.97 -26.27
N ASN B 30 14.41 -13.52 -26.11
CA ASN B 30 13.27 -13.20 -27.00
C ASN B 30 12.91 -11.71 -26.99
N VAL B 31 12.84 -11.12 -25.80
CA VAL B 31 12.57 -9.69 -25.67
C VAL B 31 13.66 -8.87 -26.37
N LYS B 32 14.91 -9.27 -26.18
CA LYS B 32 16.04 -8.58 -26.80
C LYS B 32 15.93 -8.64 -28.32
N ASN B 33 15.64 -9.84 -28.84
CA ASN B 33 15.44 -10.07 -30.26
C ASN B 33 14.34 -9.20 -30.87
N LEU B 34 13.18 -9.19 -30.21
CA LEU B 34 12.02 -8.49 -30.73
C LEU B 34 12.15 -6.98 -30.66
N THR B 35 12.71 -6.45 -29.56
CA THR B 35 12.80 -5.00 -29.38
C THR B 35 13.77 -4.38 -30.38
N GLU B 36 14.82 -5.12 -30.75
CA GLU B 36 15.83 -4.63 -31.69
C GLU B 36 15.31 -4.57 -33.11
N SER B 37 14.44 -5.50 -33.46
CA SER B 37 14.00 -5.67 -34.85
C SER B 37 12.70 -4.94 -35.18
N ASP B 38 11.90 -4.66 -34.16
CA ASP B 38 10.60 -4.01 -34.34
C ASP B 38 10.78 -2.50 -34.55
N GLU B 39 10.32 -2.01 -35.68
CA GLU B 39 10.39 -0.56 -35.99
C GLU B 39 9.62 0.32 -34.99
N ARG B 40 8.62 -0.25 -34.33
CA ARG B 40 7.78 0.48 -33.37
C ARG B 40 8.53 0.81 -32.06
N ILE B 41 9.61 0.08 -31.78
CA ILE B 41 10.31 0.20 -30.50
C ILE B 41 11.65 0.92 -30.65
N THR B 42 11.82 2.00 -29.88
CA THR B 42 13.04 2.81 -29.89
C THR B 42 14.10 2.35 -28.88
N ALA B 43 13.66 1.87 -27.72
CA ALA B 43 14.58 1.47 -26.65
C ALA B 43 13.92 0.50 -25.67
N CYS B 44 14.76 -0.30 -25.02
CA CYS B 44 14.30 -1.25 -24.02
C CYS B 44 15.26 -1.26 -22.84
N TYR B 47 15.06 -4.05 -15.71
CA TYR B 47 15.32 -3.74 -14.31
C TYR B 47 15.05 -4.96 -13.43
N GLY B 48 15.26 -4.82 -12.12
CA GLY B 48 14.99 -5.93 -11.20
C GLY B 48 16.13 -6.93 -11.14
N SER B 49 15.87 -8.07 -10.50
CA SER B 49 16.93 -9.02 -10.12
C SER B 49 17.88 -9.49 -11.23
N PHE B 50 17.38 -9.66 -12.45
CA PHE B 50 18.28 -10.08 -13.56
C PHE B 50 19.26 -8.99 -13.99
N THR B 51 19.12 -7.79 -13.42
CA THR B 51 20.09 -6.72 -13.70
C THR B 51 21.12 -6.60 -12.57
N LYS B 52 20.87 -7.27 -11.44
CA LYS B 52 21.73 -7.19 -10.25
C LYS B 52 22.35 -8.54 -9.88
N GLY B 53 22.32 -9.51 -10.79
CA GLY B 53 22.86 -10.85 -10.53
C GLY B 53 22.08 -11.70 -9.53
N GLU B 54 20.81 -11.34 -9.27
CA GLU B 54 20.02 -12.00 -8.23
C GLU B 54 18.85 -12.84 -8.78
N GLY B 55 18.79 -12.97 -10.11
CA GLY B 55 17.72 -13.73 -10.75
C GLY B 55 17.87 -15.23 -10.55
N ASP B 56 16.76 -15.90 -10.29
CA ASP B 56 16.75 -17.36 -10.25
C ASP B 56 15.47 -17.89 -10.91
N GLN B 57 15.15 -19.16 -10.70
CA GLN B 57 13.99 -19.80 -11.32
C GLN B 57 12.65 -19.27 -10.81
N TYR B 58 12.65 -18.63 -9.65
CA TYR B 58 11.41 -18.10 -9.07
C TYR B 58 11.20 -16.63 -9.44
N SER B 59 12.13 -16.05 -10.20
CA SER B 59 12.08 -14.64 -10.56
C SER B 59 11.07 -14.33 -11.66
N ASP B 60 10.64 -13.06 -11.72
CA ASP B 60 9.92 -12.57 -12.88
C ASP B 60 10.91 -11.91 -13.85
N ILE B 61 10.40 -11.43 -14.98
CA ILE B 61 11.16 -10.59 -15.91
C ILE B 61 10.46 -9.24 -16.03
N GLU B 62 11.22 -8.18 -16.31
CA GLU B 62 10.64 -6.84 -16.28
C GLU B 62 11.45 -5.84 -17.06
N PHE B 63 10.72 -5.01 -17.80
CA PHE B 63 11.30 -4.07 -18.75
C PHE B 63 10.47 -2.81 -18.84
N TYR B 64 11.16 -1.71 -19.13
CA TYR B 64 10.53 -0.56 -19.74
C TYR B 64 10.73 -0.69 -21.25
N ILE B 65 9.66 -0.51 -22.02
CA ILE B 65 9.74 -0.57 -23.47
C ILE B 65 9.34 0.81 -23.96
N PHE B 66 10.27 1.46 -24.66
CA PHE B 66 10.03 2.81 -25.15
C PHE B 66 9.64 2.78 -26.62
N LEU B 67 8.50 3.41 -26.91
CA LEU B 67 7.89 3.31 -28.24
C LEU B 67 8.05 4.60 -29.05
N LYS B 68 8.03 4.44 -30.37
CA LYS B 68 7.95 5.59 -31.27
C LYS B 68 6.75 6.42 -30.80
N HIS B 69 7.02 7.70 -30.55
CA HIS B 69 6.05 8.60 -29.91
C HIS B 69 4.68 8.59 -30.60
N SER B 70 4.66 8.69 -31.93
CA SER B 70 3.41 8.89 -32.67
C SER B 70 2.55 7.63 -32.84
N ILE B 71 3.06 6.48 -32.38
CA ILE B 71 2.26 5.26 -32.40
C ILE B 71 2.01 4.69 -30.99
N THR B 72 2.40 5.44 -29.96
CA THR B 72 2.32 4.97 -28.57
C THR B 72 0.89 4.63 -28.12
N SER B 73 -0.09 5.46 -28.49
CA SER B 73 -1.46 5.30 -28.00
C SER B 73 -2.11 3.97 -28.38
N ASN B 74 -2.00 3.57 -29.64
CA ASN B 74 -2.65 2.35 -30.12
C ASN B 74 -1.69 1.17 -30.29
N PHE B 75 -0.53 1.23 -29.64
CA PHE B 75 0.43 0.12 -29.73
C PHE B 75 -0.22 -1.18 -29.28
N ASP B 76 -0.12 -2.20 -30.12
CA ASP B 76 -0.74 -3.49 -29.84
C ASP B 76 0.13 -4.37 -28.93
N SER B 77 0.16 -4.02 -27.64
CA SER B 77 0.95 -4.74 -26.64
C SER B 77 0.47 -6.17 -26.43
N SER B 78 -0.84 -6.39 -26.57
CA SER B 78 -1.43 -7.73 -26.43
C SER B 78 -0.86 -8.69 -27.44
N ASN B 79 -0.73 -8.25 -28.69
CA ASN B 79 -0.20 -9.08 -29.76
C ASN B 79 1.32 -9.19 -29.62
N TRP B 80 1.98 -8.08 -29.34
CA TRP B 80 3.44 -8.07 -29.21
C TRP B 80 3.93 -9.01 -28.11
N LEU B 81 3.22 -9.04 -26.99
CA LEU B 81 3.63 -9.86 -25.85
C LEU B 81 3.45 -11.35 -26.11
N PHE B 82 2.42 -11.70 -26.88
CA PHE B 82 2.23 -13.08 -27.34
C PHE B 82 3.36 -13.47 -28.30
N ASP B 83 3.90 -12.50 -29.04
CA ASP B 83 5.07 -12.74 -29.88
C ASP B 83 6.32 -13.01 -29.04
N VAL B 84 6.37 -12.46 -27.83
CA VAL B 84 7.40 -12.83 -26.87
C VAL B 84 7.22 -14.32 -26.48
N ALA B 85 6.00 -14.68 -26.06
CA ALA B 85 5.66 -16.07 -25.75
C ALA B 85 4.15 -16.16 -25.47
N PRO B 86 3.54 -17.32 -25.78
CA PRO B 86 2.13 -17.51 -25.46
C PRO B 86 1.88 -17.26 -23.98
N TYR B 87 0.78 -16.58 -23.66
CA TYR B 87 0.47 -16.30 -22.27
C TYR B 87 -0.89 -16.83 -21.84
N LEU B 88 -1.04 -17.05 -20.55
CA LEU B 88 -2.31 -17.48 -19.95
C LEU B 88 -3.21 -16.29 -19.64
N LEU B 90 -3.19 -11.65 -19.24
CA LEU B 90 -2.58 -10.34 -19.37
C LEU B 90 -3.55 -9.26 -18.88
N TYR B 91 -3.05 -8.35 -18.06
CA TYR B 91 -3.84 -7.21 -17.61
C TYR B 91 -2.95 -6.00 -17.34
N LYS B 92 -3.56 -4.82 -17.27
CA LYS B 92 -2.85 -3.60 -16.89
C LYS B 92 -3.08 -3.36 -15.41
N ASN B 93 -2.00 -3.27 -14.63
CA ASN B 93 -2.14 -3.06 -13.18
C ASN B 93 -2.44 -1.61 -12.82
N GLU B 94 -2.46 -1.29 -11.53
CA GLU B 94 -2.89 0.03 -11.07
C GLU B 94 -1.95 1.16 -11.49
N TYR B 95 -0.68 0.81 -11.74
CA TYR B 95 0.32 1.79 -12.17
C TYR B 95 0.43 1.91 -13.69
N GLY B 96 -0.42 1.17 -14.42
CA GLY B 96 -0.40 1.21 -15.88
C GLY B 96 0.65 0.33 -16.53
N THR B 97 1.16 -0.64 -15.79
CA THR B 97 2.11 -1.61 -16.31
C THR B 97 1.36 -2.84 -16.84
N GLU B 98 1.76 -3.33 -18.02
CA GLU B 98 1.24 -4.57 -18.54
C GLU B 98 1.87 -5.75 -17.79
N VAL B 99 1.03 -6.55 -17.14
CA VAL B 99 1.50 -7.70 -16.36
C VAL B 99 1.01 -8.98 -17.01
N VAL B 100 1.93 -9.88 -17.26
CA VAL B 100 1.63 -11.09 -18.01
C VAL B 100 2.05 -12.36 -17.27
N ILE B 101 1.20 -13.38 -17.34
CA ILE B 101 1.59 -14.71 -16.92
C ILE B 101 1.66 -15.56 -18.18
N PHE B 102 2.88 -15.94 -18.55
CA PHE B 102 3.12 -16.76 -19.73
C PHE B 102 2.62 -18.18 -19.49
N ASP B 103 2.41 -18.96 -20.54
CA ASP B 103 1.81 -20.27 -20.33
C ASP B 103 2.67 -21.27 -19.57
N ASN B 104 3.95 -21.00 -19.50
CA ASN B 104 4.88 -21.68 -18.62
C ASN B 104 4.90 -21.15 -17.15
N LEU B 105 4.02 -20.21 -16.85
CA LEU B 105 3.79 -19.61 -15.52
C LEU B 105 4.84 -18.59 -15.06
N ILE B 106 5.74 -18.19 -15.96
CA ILE B 106 6.66 -17.09 -15.66
C ILE B 106 5.92 -15.77 -15.78
N ARG B 107 6.12 -14.90 -14.78
CA ARG B 107 5.53 -13.57 -14.78
C ARG B 107 6.43 -12.58 -15.49
N GLY B 108 5.83 -11.68 -16.27
CA GLY B 108 6.56 -10.59 -16.90
C GLY B 108 5.85 -9.28 -16.63
N GLU B 109 6.63 -8.24 -16.39
CA GLU B 109 6.09 -6.89 -16.23
C GLU B 109 6.69 -5.98 -17.29
N PHE B 110 5.83 -5.34 -18.07
CA PHE B 110 6.25 -4.56 -19.21
C PHE B 110 5.62 -3.18 -19.15
N HIS B 111 6.46 -2.16 -19.01
CA HIS B 111 5.95 -0.80 -18.96
C HIS B 111 6.17 -0.13 -20.31
N PHE B 112 5.09 0.05 -21.06
CA PHE B 112 5.15 0.66 -22.39
C PHE B 112 4.91 2.16 -22.27
N LEU B 113 5.87 2.94 -22.73
CA LEU B 113 5.82 4.41 -22.70
C LEU B 113 6.41 4.96 -23.98
N SER B 114 6.12 6.22 -24.27
CA SER B 114 6.76 6.93 -25.37
C SER B 114 8.26 7.15 -25.12
N GLU B 115 9.03 7.07 -26.19
CA GLU B 115 10.45 7.47 -26.20
C GLU B 115 10.67 8.84 -25.54
N LYS B 116 9.66 9.70 -25.59
CA LYS B 116 9.72 11.04 -25.00
C LYS B 116 9.63 11.05 -23.47
N ASP B 117 9.18 9.94 -22.89
CA ASP B 117 9.09 9.83 -21.44
C ASP B 117 10.31 9.14 -20.84
N ASN B 119 12.88 10.50 -20.08
CA ASN B 119 13.42 11.42 -19.08
C ASN B 119 12.99 11.12 -17.63
N ILE B 120 12.19 10.08 -17.43
CA ILE B 120 11.87 9.62 -16.07
C ILE B 120 13.02 8.83 -15.47
N ILE B 121 13.91 8.32 -16.33
CA ILE B 121 15.01 7.43 -15.92
C ILE B 121 15.91 8.02 -14.82
N PRO B 122 16.32 9.31 -14.93
CA PRO B 122 17.12 9.95 -13.88
C PRO B 122 16.53 9.90 -12.46
N SER B 123 15.22 9.97 -12.33
CA SER B 123 14.56 9.81 -11.02
C SER B 123 14.79 8.43 -10.37
N PHE B 124 15.18 7.43 -11.16
CA PHE B 124 15.46 6.08 -10.63
C PHE B 124 16.67 6.06 -9.67
N LYS B 125 17.53 7.09 -9.72
CA LYS B 125 18.65 7.19 -8.79
C LYS B 125 18.22 7.37 -7.33
N ASP B 126 16.99 7.83 -7.10
CA ASP B 126 16.44 7.99 -5.75
C ASP B 126 15.81 6.73 -5.18
N SER B 127 15.70 5.69 -6.00
CA SER B 127 14.89 4.53 -5.64
C SER B 127 15.67 3.37 -5.03
N GLY B 128 16.97 3.31 -5.31
CA GLY B 128 17.77 2.18 -4.83
C GLY B 128 19.23 2.18 -5.24
N TYR B 129 19.92 1.12 -4.82
CA TYR B 129 21.32 0.93 -5.13
C TYR B 129 21.45 0.37 -6.55
N ILE B 130 22.12 1.13 -7.41
CA ILE B 130 22.37 0.71 -8.79
C ILE B 130 23.89 0.74 -9.02
N PRO B 131 24.61 -0.32 -8.60
CA PRO B 131 26.06 -0.34 -8.74
C PRO B 131 26.51 -0.40 -10.18
N ASP B 132 25.71 -1.09 -11.01
CA ASP B 132 26.02 -1.35 -12.40
C ASP B 132 24.80 -1.14 -13.28
N THR B 133 25.05 -0.80 -14.54
CA THR B 133 24.02 -0.38 -15.47
C THR B 133 24.04 -1.26 -16.72
N LYS B 134 25.06 -2.11 -16.84
CA LYS B 134 25.31 -2.87 -18.09
C LYS B 134 24.21 -3.84 -18.49
N ALA B 135 23.71 -4.59 -17.53
CA ALA B 135 22.62 -5.55 -17.79
C ALA B 135 21.26 -4.87 -18.04
N LEU B 137 20.70 -2.21 -20.14
CA LEU B 137 20.57 -1.83 -21.54
C LEU B 137 20.34 -2.98 -22.50
N ILE B 138 19.10 -3.17 -22.92
CA ILE B 138 18.70 -4.25 -23.82
C ILE B 138 18.75 -3.77 -25.27
N TYR B 139 18.18 -2.59 -25.53
CA TYR B 139 18.21 -1.98 -26.85
C TYR B 139 18.14 -0.47 -26.72
N ASP B 140 18.87 0.23 -27.60
CA ASP B 140 18.97 1.68 -27.54
C ASP B 140 19.24 2.23 -28.92
N GLU B 141 18.17 2.59 -29.62
CA GLU B 141 18.26 3.06 -31.01
C GLU B 141 19.16 4.28 -31.17
N THR B 142 18.90 5.32 -30.39
CA THR B 142 19.51 6.63 -30.61
C THR B 142 20.76 6.89 -29.79
N GLY B 143 20.99 6.07 -28.76
CA GLY B 143 22.10 6.30 -27.83
C GLY B 143 21.62 6.98 -26.56
N GLN B 144 20.39 7.47 -26.58
CA GLN B 144 19.87 8.26 -25.46
C GLN B 144 19.57 7.44 -24.18
N LEU B 145 19.24 6.17 -24.32
CA LEU B 145 19.02 5.34 -23.14
C LEU B 145 20.32 5.15 -22.38
N GLU B 146 21.39 4.91 -23.14
CA GLU B 146 22.72 4.73 -22.61
C GLU B 146 23.21 5.96 -21.85
N ASN B 147 22.84 7.16 -22.31
CA ASN B 147 23.20 8.39 -21.60
C ASN B 147 22.39 8.62 -20.33
N TYR B 148 21.10 8.31 -20.38
CA TYR B 148 20.25 8.37 -19.19
C TYR B 148 20.73 7.41 -18.09
N LEU B 149 21.18 6.22 -18.50
CA LEU B 149 21.66 5.22 -17.54
C LEU B 149 23.00 5.58 -16.88
N SER B 150 23.86 6.30 -17.60
CA SER B 150 25.11 6.81 -17.03
C SER B 150 24.85 7.87 -15.96
N GLU B 151 23.66 8.49 -16.01
CA GLU B 151 23.22 9.42 -14.99
C GLU B 151 22.84 8.73 -13.68
N ILE B 152 22.39 7.48 -13.78
CA ILE B 152 21.99 6.74 -12.58
C ILE B 152 23.02 5.70 -12.12
N SER B 153 24.02 5.43 -12.94
CA SER B 153 25.00 4.39 -12.65
C SER B 153 25.76 4.73 -11.38
N GLY B 154 25.79 3.80 -10.43
CA GLY B 154 26.46 4.01 -9.15
C GLY B 154 25.60 4.71 -8.11
N ALA B 155 24.34 4.98 -8.44
CA ALA B 155 23.44 5.66 -7.50
C ALA B 155 23.28 4.81 -6.24
N ARG B 156 23.31 5.50 -5.10
CA ARG B 156 23.18 4.85 -3.81
C ARG B 156 22.62 5.84 -2.80
N PRO B 157 21.28 5.94 -2.70
CA PRO B 157 20.65 6.86 -1.75
C PRO B 157 21.09 6.59 -0.31
N ASN B 158 21.32 7.65 0.44
CA ASN B 158 21.67 7.57 1.85
C ASN B 158 20.38 7.51 2.66
N ARG B 159 20.09 6.32 3.18
CA ARG B 159 18.89 6.09 3.98
C ARG B 159 19.11 6.40 5.46
N LEU B 160 20.37 6.53 5.85
CA LEU B 160 20.71 6.68 7.26
C LEU B 160 20.67 8.15 7.70
N THR B 161 19.45 8.71 7.70
CA THR B 161 19.27 10.12 7.98
C THR B 161 18.30 10.36 9.13
N GLU B 162 18.49 11.47 9.83
CA GLU B 162 17.62 11.90 10.92
C GLU B 162 16.17 12.00 10.44
N GLU B 163 16.00 12.48 9.21
CA GLU B 163 14.67 12.62 8.59
C GLU B 163 13.95 11.27 8.43
N ASN B 164 14.68 10.24 7.99
CA ASN B 164 14.07 8.90 7.86
C ASN B 164 13.69 8.31 9.22
N ALA B 165 14.62 8.41 10.17
CA ALA B 165 14.39 7.87 11.52
C ALA B 165 13.16 8.52 12.19
N ASN B 166 13.06 9.84 12.07
CA ASN B 166 11.91 10.56 12.59
C ASN B 166 10.60 10.24 11.86
N PHE B 167 10.63 10.15 10.53
CA PHE B 167 9.42 9.81 9.81
C PHE B 167 8.93 8.41 10.20
N LEU B 168 9.86 7.46 10.26
CA LEU B 168 9.54 6.07 10.54
C LEU B 168 9.00 5.85 11.94
N LEU B 169 9.60 6.53 12.93
CA LEU B 169 9.10 6.43 14.30
C LEU B 169 7.73 7.10 14.48
N CYS B 170 7.54 8.27 13.86
CA CYS B 170 6.23 8.94 13.84
C CYS B 170 5.16 8.10 13.14
N ASN B 171 5.50 7.56 11.97
CA ASN B 171 4.57 6.76 11.18
C ASN B 171 4.17 5.50 11.94
N PHE B 172 5.17 4.83 12.50
CA PHE B 172 4.93 3.68 13.36
C PHE B 172 4.00 4.01 14.52
N SER B 173 4.27 5.09 15.26
CA SER B 173 3.44 5.47 16.42
C SER B 173 2.00 5.73 16.00
N ASN B 174 1.83 6.44 14.89
CA ASN B 174 0.53 6.73 14.30
C ASN B 174 -0.20 5.43 13.94
N LEU B 175 0.47 4.56 13.18
CA LEU B 175 -0.15 3.30 12.74
C LEU B 175 -0.42 2.37 13.91
N TRP B 176 0.49 2.34 14.88
CA TRP B 176 0.36 1.45 16.01
C TRP B 176 -0.87 1.82 16.84
N LEU B 177 -1.04 3.11 17.09
CA LEU B 177 -2.15 3.59 17.88
C LEU B 177 -3.49 3.38 17.16
N GLY B 179 -4.03 1.04 14.94
CA GLY B 179 -4.22 -0.41 15.00
C GLY B 179 -4.74 -0.94 16.32
N ILE B 180 -4.17 -0.43 17.42
CA ILE B 180 -4.59 -0.89 18.75
C ILE B 180 -6.02 -0.43 19.07
N ASN B 181 -6.39 0.74 18.57
CA ASN B 181 -7.75 1.25 18.73
C ASN B 181 -8.79 0.40 18.04
N VAL B 182 -8.58 0.07 16.76
CA VAL B 182 -9.55 -0.77 16.05
C VAL B 182 -9.57 -2.20 16.60
N LEU B 183 -8.44 -2.67 17.10
CA LEU B 183 -8.37 -3.96 17.78
C LEU B 183 -9.24 -3.96 19.06
N LYS B 184 -9.09 -2.92 19.88
CA LYS B 184 -9.93 -2.76 21.07
C LYS B 184 -11.42 -2.69 20.72
N ARG B 185 -11.74 -2.01 19.62
CA ARG B 185 -13.14 -1.93 19.13
C ARG B 185 -13.71 -3.31 18.74
N GLY B 186 -12.85 -4.18 18.26
CA GLY B 186 -13.25 -5.50 17.81
C GLY B 186 -13.15 -5.63 16.31
N GLU B 187 -12.50 -4.68 15.67
CA GLU B 187 -12.28 -4.74 14.22
C GLU B 187 -10.99 -5.51 13.92
N TYR B 188 -11.03 -6.82 14.16
CA TYR B 188 -9.84 -7.68 14.09
C TYR B 188 -9.17 -7.68 12.72
N ALA B 189 -9.95 -7.81 11.65
CA ALA B 189 -9.41 -7.82 10.29
C ALA B 189 -8.72 -6.50 9.97
N ARG B 190 -9.33 -5.40 10.42
CA ARG B 190 -8.74 -4.09 10.22
C ARG B 190 -7.43 -3.90 11.01
N SER B 191 -7.38 -4.40 12.24
CA SER B 191 -6.14 -4.29 13.00
C SER B 191 -5.04 -5.15 12.37
N LEU B 192 -5.44 -6.26 11.75
CA LEU B 192 -4.47 -7.11 11.05
C LEU B 192 -3.89 -6.39 9.83
N GLU B 193 -4.76 -5.72 9.08
CA GLU B 193 -4.33 -4.96 7.91
C GLU B 193 -3.36 -3.85 8.34
N LEU B 194 -3.69 -3.13 9.42
CA LEU B 194 -2.80 -2.09 9.94
C LEU B 194 -1.47 -2.66 10.45
N LEU B 195 -1.53 -3.86 11.02
CA LEU B 195 -0.33 -4.55 11.49
C LEU B 195 0.66 -4.81 10.35
N SER B 196 0.15 -5.15 9.18
CA SER B 196 1.02 -5.39 8.02
C SER B 196 1.71 -4.10 7.54
N GLN B 197 1.01 -2.96 7.69
CA GLN B 197 1.61 -1.66 7.38
C GLN B 197 2.72 -1.33 8.38
N LEU B 198 2.50 -1.60 9.65
CA LEU B 198 3.53 -1.25 10.63
C LEU B 198 4.73 -2.20 10.58
N GLN B 199 4.53 -3.43 10.10
CA GLN B 199 5.62 -4.36 9.83
C GLN B 199 6.61 -3.82 8.79
N LYS B 200 6.09 -3.27 7.70
CA LYS B 200 6.92 -2.59 6.69
C LYS B 200 7.76 -1.47 7.32
N ASN B 201 7.13 -0.67 8.19
CA ASN B 201 7.83 0.41 8.91
C ASN B 201 8.95 -0.14 9.79
N THR B 202 8.64 -1.24 10.47
CA THR B 202 9.55 -1.89 11.38
C THR B 202 10.78 -2.43 10.63
N LEU B 203 10.59 -2.97 9.43
CA LEU B 203 11.73 -3.51 8.67
C LEU B 203 12.71 -2.41 8.26
N GLN B 204 12.18 -1.27 7.82
CA GLN B 204 13.02 -0.11 7.49
C GLN B 204 13.81 0.39 8.70
N LEU B 205 13.17 0.43 9.86
CA LEU B 205 13.83 0.77 11.13
C LEU B 205 14.95 -0.20 11.53
N ILE B 206 14.71 -1.51 11.38
CA ILE B 206 15.74 -2.51 11.64
C ILE B 206 16.91 -2.30 10.68
N ARG B 207 16.59 -2.05 9.41
CA ARG B 207 17.62 -1.82 8.39
C ARG B 207 18.46 -0.58 8.67
N ALA B 209 18.84 0.67 11.88
CA ALA B 209 19.56 0.29 13.09
C ALA B 209 20.76 -0.62 12.78
N GLU B 210 20.63 -1.48 11.77
CA GLU B 210 21.71 -2.38 11.40
C GLU B 210 22.56 -1.90 10.22
N LYS B 211 22.26 -0.72 9.68
CA LYS B 211 23.00 -0.15 8.53
C LYS B 211 23.07 -1.09 7.33
N ASN B 212 21.93 -1.68 6.97
CA ASN B 212 21.85 -2.51 5.79
C ASN B 212 20.57 -2.08 5.08
N ALA B 213 20.63 -0.91 4.47
CA ALA B 213 19.43 -0.21 4.04
C ALA B 213 19.28 -0.02 2.53
N ASP B 214 20.14 -0.67 1.73
CA ASP B 214 20.02 -0.58 0.26
C ASP B 214 18.67 -1.08 -0.24
N ASN B 215 18.21 -2.20 0.32
CA ASN B 215 16.87 -2.69 0.01
C ASN B 215 15.85 -1.91 0.85
N TRP B 216 15.48 -0.74 0.36
CA TRP B 216 14.72 0.24 1.14
C TRP B 216 13.22 0.23 0.84
N LEU B 217 12.88 0.44 -0.43
CA LEU B 217 11.49 0.36 -0.87
C LEU B 217 11.00 -1.09 -0.86
N ASN B 218 11.91 -2.01 -1.20
CA ASN B 218 11.67 -3.45 -1.16
C ASN B 218 12.24 -4.02 0.15
N SER B 220 11.52 -6.06 2.56
CA SER B 220 11.52 -7.48 2.95
C SER B 220 12.37 -8.36 2.05
N LYS B 221 12.89 -7.79 0.95
CA LYS B 221 13.75 -8.55 0.02
C LYS B 221 15.02 -9.06 0.70
N ASN B 222 15.30 -10.36 0.54
CA ASN B 222 16.48 -11.02 1.12
C ASN B 222 16.58 -10.88 2.65
N LEU B 223 15.46 -10.59 3.33
CA LEU B 223 15.52 -10.30 4.77
C LEU B 223 16.24 -11.41 5.54
N GLU B 224 15.99 -12.65 5.15
CA GLU B 224 16.61 -13.81 5.79
C GLU B 224 18.15 -13.82 5.68
N LYS B 225 18.71 -13.08 4.73
CA LYS B 225 20.16 -13.01 4.52
C LYS B 225 20.76 -11.69 4.97
N GLU B 226 19.91 -10.73 5.28
CA GLU B 226 20.38 -9.35 5.42
C GLU B 226 20.36 -8.77 6.83
N ILE B 227 19.62 -9.39 7.74
CA ILE B 227 19.54 -8.87 9.11
C ILE B 227 19.91 -9.94 10.15
N SER B 228 20.37 -9.47 11.30
CA SER B 228 20.77 -10.34 12.40
C SER B 228 19.65 -11.28 12.81
N LEU B 229 20.03 -12.49 13.21
CA LEU B 229 19.07 -13.47 13.72
C LEU B 229 18.22 -12.90 14.87
N GLU B 230 18.85 -12.10 15.74
CA GLU B 230 18.19 -11.47 16.89
C GLU B 230 17.01 -10.61 16.47
N ASN B 231 17.23 -9.68 15.54
CA ASN B 231 16.15 -8.83 15.05
C ASN B 231 15.16 -9.55 14.17
N TYR B 232 15.60 -10.60 13.48
CA TYR B 232 14.70 -11.39 12.64
C TYR B 232 13.67 -12.09 13.52
N LYS B 233 14.13 -12.70 14.61
CA LYS B 233 13.24 -13.37 15.57
C LYS B 233 12.28 -12.41 16.28
N LYS B 234 12.79 -11.24 16.67
CA LYS B 234 11.94 -10.21 17.25
C LYS B 234 10.88 -9.74 16.26
N PHE B 235 11.25 -9.63 14.98
CA PHE B 235 10.30 -9.27 13.93
C PHE B 235 9.24 -10.35 13.74
N ALA B 236 9.66 -11.61 13.74
CA ALA B 236 8.73 -12.73 13.65
C ALA B 236 7.64 -12.68 14.73
N LYS B 237 8.00 -12.18 15.92
CA LYS B 237 7.04 -12.02 17.03
C LYS B 237 6.00 -10.93 16.83
N THR B 238 6.16 -10.10 15.80
CA THR B 238 5.20 -9.02 15.50
C THR B 238 4.18 -9.44 14.43
N THR B 239 4.16 -10.72 14.10
CA THR B 239 3.23 -11.26 13.13
C THR B 239 2.11 -12.02 13.84
N ALA B 240 0.96 -12.13 13.18
CA ALA B 240 -0.25 -12.68 13.77
C ALA B 240 -1.17 -13.24 12.70
N ARG B 241 -1.93 -14.27 13.06
CA ARG B 241 -3.07 -14.68 12.26
C ARG B 241 -4.29 -13.89 12.73
N LEU B 242 -5.39 -14.02 12.01
CA LEU B 242 -6.61 -13.28 12.36
C LEU B 242 -7.26 -13.88 13.62
N ASP B 243 -6.81 -13.38 14.76
CA ASP B 243 -7.20 -13.90 16.08
C ASP B 243 -6.82 -12.86 17.14
N LYS B 244 -7.77 -12.55 18.01
CA LYS B 244 -7.67 -11.49 19.02
C LYS B 244 -6.41 -11.59 19.89
N VAL B 245 -6.14 -12.77 20.42
CA VAL B 245 -5.00 -12.98 21.30
C VAL B 245 -3.68 -12.79 20.55
N GLU B 246 -3.59 -13.39 19.37
CA GLU B 246 -2.38 -13.28 18.54
C GLU B 246 -2.15 -11.83 18.11
N LEU B 247 -3.23 -11.13 17.79
CA LEU B 247 -3.14 -9.70 17.46
C LEU B 247 -2.64 -8.83 18.62
N PHE B 248 -3.24 -8.98 19.81
CA PHE B 248 -2.75 -8.24 20.98
C PHE B 248 -1.26 -8.52 21.25
N GLU B 249 -0.87 -9.78 21.10
CA GLU B 249 0.53 -10.20 21.30
C GLU B 249 1.46 -9.58 20.26
N ALA B 250 1.05 -9.59 19.00
CA ALA B 250 1.81 -9.00 17.91
C ALA B 250 2.00 -7.50 18.11
N TYR B 251 0.93 -6.78 18.46
CA TYR B 251 0.99 -5.34 18.74
C TYR B 251 1.91 -4.99 19.92
N LYS B 252 1.85 -5.76 21.00
CA LYS B 252 2.75 -5.52 22.12
C LYS B 252 4.21 -5.76 21.71
N ASN B 253 4.45 -6.85 21.00
CA ASN B 253 5.80 -7.18 20.57
C ASN B 253 6.36 -6.18 19.56
N SER B 254 5.50 -5.60 18.73
CA SER B 254 6.01 -4.64 17.75
C SER B 254 6.37 -3.33 18.45
N LEU B 255 5.65 -3.00 19.51
CA LEU B 255 5.99 -1.82 20.30
C LEU B 255 7.28 -2.04 21.09
N LEU B 256 7.42 -3.23 21.68
CA LEU B 256 8.66 -3.61 22.38
C LEU B 256 9.87 -3.62 21.46
N LEU B 257 9.68 -4.09 20.23
CA LEU B 257 10.76 -4.09 19.24
C LEU B 257 11.17 -2.65 18.90
N VAL B 258 10.18 -1.81 18.63
CA VAL B 258 10.47 -0.43 18.23
C VAL B 258 11.14 0.34 19.38
N ASP B 260 13.25 -1.00 21.47
CA ASP B 260 14.65 -1.42 21.34
C ASP B 260 15.34 -0.62 20.25
N LEU B 261 14.70 -0.54 19.08
CA LEU B 261 15.26 0.16 17.92
C LEU B 261 15.45 1.66 18.17
N GLN B 262 14.52 2.27 18.89
CA GLN B 262 14.59 3.68 19.26
C GLN B 262 15.79 3.98 20.18
N SER B 263 16.04 3.14 21.18
CA SER B 263 17.15 3.36 22.12
C SER B 263 18.51 3.23 21.42
N HIS B 264 18.55 2.46 20.33
CA HIS B 264 19.71 2.38 19.46
C HIS B 264 19.83 3.64 18.60
N LEU B 265 18.74 3.98 17.90
CA LEU B 265 18.74 5.11 16.98
C LEU B 265 18.87 6.50 17.63
N ILE B 266 18.53 6.60 18.92
CA ILE B 266 18.65 7.88 19.64
C ILE B 266 20.12 8.27 19.83
N GLU B 267 21.00 7.27 19.89
CA GLU B 267 22.45 7.48 19.98
C GLU B 267 23.02 8.21 18.74
N GLN B 268 22.37 8.09 17.60
CA GLN B 268 22.89 8.70 16.36
C GLN B 268 22.01 9.79 15.74
N TYR B 269 20.77 9.91 16.20
CA TYR B 269 19.85 10.93 15.69
C TYR B 269 19.09 11.66 16.79
N ASN B 270 18.71 12.90 16.51
CA ASN B 270 17.78 13.66 17.37
C ASN B 270 16.33 13.29 17.04
N LEU B 271 15.67 12.59 17.97
CA LEU B 271 14.35 12.01 17.68
C LEU B 271 13.20 12.74 18.34
N LYS B 272 12.16 13.04 17.55
CA LYS B 272 10.93 13.66 18.06
C LYS B 272 10.04 12.65 18.80
N VAL B 273 10.19 11.37 18.47
CA VAL B 273 9.56 10.29 19.25
C VAL B 273 10.56 9.79 20.31
N THR B 274 10.17 9.95 21.58
CA THR B 274 11.02 9.60 22.71
C THR B 274 10.55 8.31 23.37
N HIS B 275 11.36 7.81 24.31
CA HIS B 275 11.02 6.63 25.11
C HIS B 275 9.76 6.87 25.94
N ASP B 276 9.61 8.10 26.43
CA ASP B 276 8.46 8.50 27.24
C ASP B 276 7.15 8.51 26.42
N ILE B 277 7.25 8.78 25.13
CA ILE B 277 6.09 8.71 24.24
C ILE B 277 5.72 7.25 23.96
N LEU B 278 6.72 6.44 23.62
CA LEU B 278 6.52 5.00 23.46
C LEU B 278 5.98 4.34 24.75
N GLU B 279 6.46 4.81 25.90
CA GLU B 279 5.97 4.36 27.21
C GLU B 279 4.49 4.68 27.43
N ARG B 280 4.02 5.82 26.92
CA ARG B 280 2.60 6.17 26.99
C ARG B 280 1.76 5.21 26.15
N LEU B 281 2.28 4.85 24.98
CA LEU B 281 1.63 3.85 24.13
C LEU B 281 1.57 2.47 24.79
N LEU B 282 2.65 2.09 25.45
CA LEU B 282 2.70 0.80 26.14
C LEU B 282 1.61 0.69 27.21
N ASN B 283 1.51 1.72 28.05
CA ASN B 283 0.53 1.75 29.12
C ASN B 283 -0.90 1.78 28.59
N TYR B 284 -1.07 2.23 27.36
CA TYR B 284 -2.39 2.34 26.75
C TYR B 284 -3.02 0.98 26.45
N ILE B 285 -2.21 -0.04 26.17
CA ILE B 285 -2.72 -1.37 25.79
C ILE B 285 -3.66 -1.97 26.86
N SER B 286 -3.35 -1.73 28.13
CA SER B 286 -4.14 -2.22 29.24
C SER B 286 -5.46 -1.45 29.41
N GLU B 287 -5.39 -0.14 29.19
CA GLU B 287 -6.52 0.77 29.39
C GLU B 287 -7.69 0.48 28.44
#